data_3UVK
#
_entry.id   3UVK
#
_cell.length_a   48.827
_cell.length_b   68.496
_cell.length_c   87.815
_cell.angle_alpha   90.00
_cell.angle_beta   90.00
_cell.angle_gamma   90.00
#
_symmetry.space_group_name_H-M   'P 21 21 21'
#
loop_
_entity.id
_entity.type
_entity.pdbx_description
1 polymer 'WD repeat-containing protein 5'
2 polymer 'Histone-lysine N-methyltransferase MLL2'
3 non-polymer 2-[BIS-(2-HYDROXY-ETHYL)-AMINO]-2-HYDROXYMETHYL-PROPANE-1,3-DIOL
4 non-polymer 'SULFATE ION'
5 water water
#
loop_
_entity_poly.entity_id
_entity_poly.type
_entity_poly.pdbx_seq_one_letter_code
_entity_poly.pdbx_strand_id
1 'polypeptide(L)'
;GAMGSSATQSKPTPVKPNYALKFTLAGHTKAVSSVKFSPNGEWLASSSADKLIKIWGAYDGKFEKTISGHKLGISDVAWS
SDSNLLVSASDDKTLKIWDVSSGKCLKTLKGHSNYVFCCNFNPQSNLIVSGSFDESVRIWDVKTGKCLKTLPAHSDPVSA
VHFNRDGSLIVSSSYDGLCRIWDTASGQCLKTLIDDDNPPVSFVKFSPNGKYILAATLDNTLKLWDYSKGKCLKTYTGHK
NEKYCIFANFSVTGGKWIVSGSEDNLVYIWNLQTKEIVQKLQGHTDVVISTACHPTENIIASAALENDKTIKLWKSDC
;
A
2 'polypeptide(L)' GCARSEPKILT B
#
loop_
_chem_comp.id
_chem_comp.type
_chem_comp.name
_chem_comp.formula
BTB non-polymer 2-[BIS-(2-HYDROXY-ETHYL)-AMINO]-2-HYDROXYMETHYL-PROPANE-1,3-DIOL 'C8 H19 N O5'
SO4 non-polymer 'SULFATE ION' 'O4 S -2'
#
# COMPACT_ATOMS: atom_id res chain seq x y z
N VAL A 15 26.42 3.30 9.44
CA VAL A 15 25.20 4.18 9.68
C VAL A 15 23.91 3.43 9.37
N LYS A 16 23.20 3.22 10.45
CA LYS A 16 22.02 2.39 10.44
C LYS A 16 21.02 3.11 11.34
N PRO A 17 19.76 2.86 11.09
CA PRO A 17 18.71 3.39 11.96
C PRO A 17 18.64 2.54 13.26
N ASN A 18 17.82 2.93 14.24
CA ASN A 18 17.70 2.15 15.52
C ASN A 18 16.23 2.20 15.87
N TYR A 19 15.43 1.76 14.92
CA TYR A 19 13.97 1.64 15.21
C TYR A 19 13.74 0.70 16.40
N ALA A 20 12.90 1.09 17.32
CA ALA A 20 12.59 0.30 18.48
C ALA A 20 11.08 0.39 18.69
N LEU A 21 10.51 -0.66 19.25
CA LEU A 21 9.08 -0.74 19.42
C LEU A 21 8.59 0.23 20.45
N LYS A 22 7.53 1.00 20.09
CA LYS A 22 6.97 1.96 21.03
C LYS A 22 5.56 1.61 21.39
N PHE A 23 4.72 1.15 20.45
CA PHE A 23 3.32 0.87 20.74
C PHE A 23 2.85 -0.33 19.94
N THR A 24 1.88 -1.09 20.49
CA THR A 24 1.22 -2.19 19.82
C THR A 24 -0.25 -1.77 19.73
N LEU A 25 -0.79 -1.75 18.51
CA LEU A 25 -2.11 -1.30 18.17
C LEU A 25 -2.90 -2.58 17.90
N ALA A 26 -3.59 -3.02 18.93
CA ALA A 26 -4.34 -4.30 18.75
C ALA A 26 -5.84 -3.97 18.71
N GLY A 27 -6.65 -4.80 18.07
CA GLY A 27 -8.09 -4.57 18.02
C GLY A 27 -8.75 -5.13 16.79
N HIS A 28 -8.00 -5.22 15.65
CA HIS A 28 -8.60 -5.96 14.56
C HIS A 28 -8.84 -7.38 14.94
N THR A 29 -9.80 -8.01 14.34
CA THR A 29 -10.15 -9.38 14.76
C THR A 29 -9.78 -10.43 13.72
N LYS A 30 -9.20 -9.96 12.60
CA LYS A 30 -8.61 -10.86 11.61
C LYS A 30 -7.36 -10.17 11.06
N ALA A 31 -6.74 -10.78 10.03
CA ALA A 31 -5.50 -10.24 9.41
C ALA A 31 -5.65 -8.75 9.15
N VAL A 32 -4.61 -7.99 9.43
CA VAL A 32 -4.54 -6.60 8.97
C VAL A 32 -4.04 -6.68 7.50
N SER A 33 -4.54 -5.80 6.63
CA SER A 33 -4.11 -5.81 5.22
C SER A 33 -3.25 -4.61 4.80
N SER A 34 -3.54 -3.45 5.36
CA SER A 34 -2.82 -2.27 4.92
C SER A 34 -2.84 -1.18 6.02
N VAL A 35 -1.72 -0.49 6.26
CA VAL A 35 -1.70 0.66 7.13
C VAL A 35 -1.13 1.81 6.37
N LYS A 36 -1.64 3.01 6.62
CA LYS A 36 -1.17 4.23 5.92
C LYS A 36 -1.20 5.39 6.91
N PHE A 37 -0.16 6.22 6.92
CA PHE A 37 -0.20 7.48 7.70
C PHE A 37 -0.93 8.54 6.95
N SER A 38 -1.68 9.35 7.63
CA SER A 38 -2.32 10.48 6.97
C SER A 38 -1.23 11.48 6.55
N PRO A 39 -1.49 12.23 5.43
CA PRO A 39 -0.49 13.18 4.97
C PRO A 39 -0.15 14.24 6.01
N ASN A 40 -1.11 14.59 6.90
CA ASN A 40 -0.80 15.61 7.93
C ASN A 40 -0.07 15.09 9.11
N GLY A 41 0.26 13.80 9.05
CA GLY A 41 1.02 13.20 10.13
C GLY A 41 0.31 12.80 11.41
N GLU A 42 -0.99 13.11 11.52
CA GLU A 42 -1.67 13.00 12.84
C GLU A 42 -2.14 11.59 13.06
N TRP A 43 -2.46 10.85 11.95
CA TRP A 43 -3.24 9.59 12.05
C TRP A 43 -2.61 8.42 11.33
N LEU A 44 -2.95 7.20 11.74
CA LEU A 44 -2.69 5.98 10.97
C LEU A 44 -4.06 5.38 10.68
N ALA A 45 -4.33 5.00 9.41
CA ALA A 45 -5.50 4.21 9.10
C ALA A 45 -5.11 2.76 8.86
N SER A 46 -5.90 1.81 9.32
CA SER A 46 -5.70 0.41 8.94
C SER A 46 -6.91 -0.21 8.36
N SER A 47 -6.71 -1.17 7.43
CA SER A 47 -7.81 -1.98 6.94
C SER A 47 -7.56 -3.42 7.28
N SER A 48 -8.60 -4.22 7.31
CA SER A 48 -8.44 -5.63 7.65
C SER A 48 -9.42 -6.54 7.00
N ALA A 49 -9.07 -7.82 7.00
CA ALA A 49 -10.00 -8.91 6.65
C ALA A 49 -11.25 -8.94 7.52
N ASP A 50 -11.20 -8.26 8.69
CA ASP A 50 -12.42 -8.22 9.55
C ASP A 50 -13.47 -7.22 9.06
N LYS A 51 -13.30 -6.64 7.86
CA LYS A 51 -14.23 -5.69 7.19
C LYS A 51 -14.24 -4.34 7.81
N LEU A 52 -13.28 -4.03 8.69
CA LEU A 52 -13.32 -2.73 9.36
C LEU A 52 -12.10 -1.95 8.90
N ILE A 53 -12.23 -0.65 9.07
CA ILE A 53 -11.10 0.31 9.08
C ILE A 53 -10.97 0.86 10.46
N LYS A 54 -9.75 1.00 10.96
CA LYS A 54 -9.53 1.73 12.22
C LYS A 54 -8.61 2.90 12.05
N ILE A 55 -8.80 3.93 12.86
CA ILE A 55 -7.98 5.12 12.85
C ILE A 55 -7.31 5.13 14.22
N TRP A 56 -6.06 5.51 14.22
CA TRP A 56 -5.20 5.48 15.42
C TRP A 56 -4.38 6.76 15.42
N GLY A 57 -3.98 7.23 16.58
CA GLY A 57 -3.02 8.32 16.66
C GLY A 57 -1.65 7.90 16.16
N ALA A 58 -1.06 8.75 15.28
CA ALA A 58 0.23 8.35 14.65
C ALA A 58 1.39 8.34 15.66
N TYR A 59 1.31 9.16 16.71
CA TYR A 59 2.45 9.32 17.59
C TYR A 59 2.35 8.50 18.87
N ASP A 60 1.13 8.20 19.29
CA ASP A 60 0.97 7.42 20.50
C ASP A 60 0.16 6.13 20.37
N GLY A 61 -0.26 5.81 19.11
CA GLY A 61 -1.02 4.65 18.78
C GLY A 61 -2.42 4.60 19.39
N LYS A 62 -2.93 5.73 19.91
CA LYS A 62 -4.23 5.66 20.61
C LYS A 62 -5.33 5.34 19.61
N PHE A 63 -6.14 4.35 19.95
CA PHE A 63 -7.31 4.05 19.09
C PHE A 63 -8.21 5.29 19.03
N GLU A 64 -8.66 5.64 17.83
CA GLU A 64 -9.57 6.75 17.59
C GLU A 64 -10.95 6.35 17.12
N LYS A 65 -11.06 5.49 16.14
CA LYS A 65 -12.39 5.08 15.72
C LYS A 65 -12.34 3.85 14.87
N THR A 66 -13.48 3.21 14.82
CA THR A 66 -13.77 2.12 13.94
C THR A 66 -14.74 2.56 12.85
N ILE A 67 -14.41 2.32 11.60
CA ILE A 67 -15.27 2.67 10.47
C ILE A 67 -15.74 1.38 9.83
N SER A 68 -17.01 1.26 9.58
CA SER A 68 -17.58 -0.03 9.15
C SER A 68 -18.57 0.20 7.98
N GLY A 69 -18.81 -0.85 7.21
CA GLY A 69 -19.81 -0.79 6.16
C GLY A 69 -19.49 -1.77 5.02
N HIS A 70 -18.19 -2.01 4.74
CA HIS A 70 -17.96 -3.05 3.72
C HIS A 70 -18.55 -4.39 4.11
N LYS A 71 -19.02 -5.13 3.11
CA LYS A 71 -19.66 -6.43 3.31
C LYS A 71 -18.69 -7.59 3.35
N LEU A 72 -17.43 -7.37 2.91
CA LEU A 72 -16.42 -8.44 2.93
C LEU A 72 -15.12 -7.79 3.25
N GLY A 73 -14.07 -8.60 3.42
CA GLY A 73 -12.79 -8.08 3.84
C GLY A 73 -12.23 -6.98 2.97
N ILE A 74 -11.28 -6.18 3.51
CA ILE A 74 -10.74 -4.99 2.85
C ILE A 74 -9.26 -5.26 2.64
N SER A 75 -8.76 -5.03 1.42
CA SER A 75 -7.37 -5.30 1.08
C SER A 75 -6.51 -4.05 1.08
N ASP A 76 -7.11 -2.84 1.08
CA ASP A 76 -6.29 -1.64 1.01
C ASP A 76 -7.11 -0.45 1.48
N VAL A 77 -6.47 0.58 1.92
CA VAL A 77 -7.06 1.83 2.34
C VAL A 77 -6.09 2.92 1.96
N ALA A 78 -6.57 4.13 1.71
CA ALA A 78 -5.64 5.23 1.33
C ALA A 78 -6.30 6.58 1.64
N TRP A 79 -5.46 7.55 1.96
CA TRP A 79 -5.92 8.90 2.41
C TRP A 79 -5.97 9.89 1.24
N SER A 80 -6.89 10.85 1.33
CA SER A 80 -6.84 12.01 0.46
C SER A 80 -5.80 13.02 0.97
N SER A 81 -5.42 13.94 0.10
CA SER A 81 -4.32 14.84 0.36
CA SER A 81 -4.28 14.76 0.45
C SER A 81 -4.50 15.71 1.62
N ASP A 82 -5.72 16.06 1.88
CA ASP A 82 -6.05 16.93 2.99
C ASP A 82 -6.29 16.15 4.29
N SER A 83 -6.11 14.81 4.27
CA SER A 83 -6.34 14.02 5.44
C SER A 83 -7.77 13.91 5.89
N ASN A 84 -8.72 14.31 5.03
CA ASN A 84 -10.10 14.30 5.48
C ASN A 84 -10.89 13.13 4.97
N LEU A 85 -10.42 12.48 3.88
CA LEU A 85 -11.15 11.32 3.36
C LEU A 85 -10.27 10.09 3.28
N LEU A 86 -10.90 8.93 3.32
CA LEU A 86 -10.28 7.67 3.00
C LEU A 86 -11.00 7.01 1.85
N VAL A 87 -10.26 6.15 1.12
CA VAL A 87 -10.87 5.21 0.19
C VAL A 87 -10.42 3.83 0.53
N SER A 88 -11.29 2.84 0.46
CA SER A 88 -10.95 1.44 0.74
C SER A 88 -11.37 0.56 -0.40
N ALA A 89 -10.68 -0.55 -0.52
CA ALA A 89 -10.82 -1.52 -1.61
C ALA A 89 -11.19 -2.85 -1.00
N SER A 90 -12.32 -3.47 -1.43
CA SER A 90 -12.81 -4.66 -0.71
C SER A 90 -13.12 -5.83 -1.66
N ASP A 91 -13.05 -7.02 -1.07
CA ASP A 91 -13.55 -8.25 -1.73
C ASP A 91 -15.05 -8.14 -2.13
N ASP A 92 -15.81 -7.19 -1.55
CA ASP A 92 -17.22 -6.95 -1.92
C ASP A 92 -17.38 -6.29 -3.35
N LYS A 93 -16.25 -6.10 -4.05
CA LYS A 93 -16.13 -5.62 -5.45
C LYS A 93 -16.33 -4.11 -5.54
N THR A 94 -16.43 -3.45 -4.39
CA THR A 94 -16.58 -2.05 -4.36
C THR A 94 -15.35 -1.37 -3.73
N LEU A 95 -15.19 -0.09 -4.05
CA LEU A 95 -14.46 0.83 -3.14
C LEU A 95 -15.48 1.67 -2.38
N LYS A 96 -15.08 2.18 -1.22
CA LYS A 96 -15.88 3.17 -0.51
C LYS A 96 -15.07 4.39 -0.18
N ILE A 97 -15.68 5.56 -0.29
CA ILE A 97 -15.08 6.81 0.14
C ILE A 97 -15.71 7.17 1.47
N TRP A 98 -14.83 7.52 2.41
CA TRP A 98 -15.25 7.77 3.82
C TRP A 98 -14.93 9.15 4.25
N ASP A 99 -15.85 9.77 5.05
CA ASP A 99 -15.46 11.02 5.74
C ASP A 99 -14.84 10.59 7.03
N VAL A 100 -13.55 10.85 7.20
N VAL A 100 -13.56 10.88 7.15
CA VAL A 100 -12.92 10.33 8.42
CA VAL A 100 -12.83 10.45 8.33
C VAL A 100 -13.34 11.04 9.72
C VAL A 100 -13.50 10.95 9.63
N SER A 101 -13.82 12.29 9.62
N SER A 101 -13.78 12.26 9.69
CA SER A 101 -14.37 13.01 10.78
CA SER A 101 -14.27 12.89 10.90
C SER A 101 -15.53 12.26 11.35
C SER A 101 -15.59 12.36 11.39
N SER A 102 -16.49 11.96 10.48
CA SER A 102 -17.78 11.38 10.89
C SER A 102 -17.80 9.86 10.85
N GLY A 103 -16.88 9.25 10.10
CA GLY A 103 -16.87 7.79 9.93
C GLY A 103 -17.85 7.33 8.89
N LYS A 104 -18.50 8.27 8.23
CA LYS A 104 -19.55 7.87 7.29
C LYS A 104 -19.09 7.60 5.86
N CYS A 105 -19.72 6.61 5.23
CA CYS A 105 -19.49 6.35 3.78
C CYS A 105 -20.20 7.37 2.92
N LEU A 106 -19.39 8.08 2.14
CA LEU A 106 -19.91 9.11 1.24
C LEU A 106 -20.36 8.52 -0.10
N LYS A 107 -19.61 7.56 -0.62
CA LYS A 107 -19.86 6.97 -1.95
C LYS A 107 -19.43 5.52 -1.93
N THR A 108 -20.13 4.69 -2.71
CA THR A 108 -19.71 3.35 -2.98
C THR A 108 -19.44 3.28 -4.48
N LEU A 109 -18.18 2.92 -4.83
CA LEU A 109 -17.72 2.96 -6.21
C LEU A 109 -17.89 1.55 -6.78
N LYS A 110 -18.87 1.40 -7.67
CA LYS A 110 -19.24 0.08 -8.23
C LYS A 110 -18.87 0.01 -9.72
N GLY A 111 -18.32 -1.13 -10.14
CA GLY A 111 -18.01 -1.37 -11.54
C GLY A 111 -17.02 -2.51 -11.71
N HIS A 112 -16.04 -2.69 -10.80
CA HIS A 112 -15.21 -3.88 -10.91
C HIS A 112 -16.05 -5.14 -10.80
N SER A 113 -15.57 -6.19 -11.48
CA SER A 113 -16.32 -7.42 -11.50
C SER A 113 -15.65 -8.52 -10.69
N ASN A 114 -14.65 -8.15 -9.87
CA ASN A 114 -14.07 -9.10 -8.95
C ASN A 114 -13.42 -8.28 -7.81
N TYR A 115 -12.76 -8.94 -6.87
CA TYR A 115 -12.23 -8.25 -5.66
C TYR A 115 -11.47 -6.98 -6.07
N VAL A 116 -11.67 -5.91 -5.30
CA VAL A 116 -10.86 -4.73 -5.53
C VAL A 116 -9.67 -4.84 -4.55
N PHE A 117 -8.45 -4.68 -5.06
CA PHE A 117 -7.27 -5.04 -4.28
C PHE A 117 -6.47 -3.85 -3.80
N CYS A 118 -6.45 -2.76 -4.54
CA CYS A 118 -5.51 -1.67 -4.23
C CYS A 118 -6.18 -0.38 -4.67
N CYS A 119 -5.80 0.72 -4.04
CA CYS A 119 -6.47 1.98 -4.30
C CYS A 119 -5.59 3.15 -3.91
N ASN A 120 -5.82 4.33 -4.49
CA ASN A 120 -5.11 5.53 -4.09
C ASN A 120 -5.86 6.75 -4.63
N PHE A 121 -5.82 7.87 -3.89
CA PHE A 121 -6.18 9.18 -4.46
C PHE A 121 -5.04 9.72 -5.28
N ASN A 122 -5.32 10.60 -6.24
CA ASN A 122 -4.29 11.45 -6.79
C ASN A 122 -3.98 12.57 -5.80
N PRO A 123 -2.87 13.30 -6.02
CA PRO A 123 -2.56 14.37 -5.07
C PRO A 123 -3.63 15.46 -5.03
N GLN A 124 -4.25 15.77 -6.16
CA GLN A 124 -5.41 16.68 -6.14
C GLN A 124 -6.60 16.18 -5.35
N SER A 125 -6.68 14.85 -5.26
CA SER A 125 -7.72 14.11 -4.62
C SER A 125 -9.09 14.36 -5.24
N ASN A 126 -9.13 14.73 -6.53
CA ASN A 126 -10.43 14.69 -7.28
C ASN A 126 -10.62 13.30 -7.93
N LEU A 127 -9.55 12.46 -7.99
CA LEU A 127 -9.64 11.16 -8.63
C LEU A 127 -9.19 10.09 -7.64
N ILE A 128 -9.73 8.88 -7.86
CA ILE A 128 -9.23 7.65 -7.21
C ILE A 128 -8.86 6.69 -8.34
N VAL A 129 -7.76 5.98 -8.16
CA VAL A 129 -7.34 4.85 -9.03
C VAL A 129 -7.50 3.56 -8.23
N SER A 130 -7.97 2.50 -8.89
CA SER A 130 -8.12 1.18 -8.26
C SER A 130 -7.57 0.11 -9.17
N GLY A 131 -7.14 -1.01 -8.56
CA GLY A 131 -6.77 -2.20 -9.32
C GLY A 131 -7.53 -3.36 -8.75
N SER A 132 -7.84 -4.34 -9.59
CA SER A 132 -8.69 -5.44 -9.20
C SER A 132 -8.21 -6.77 -9.72
N PHE A 133 -8.73 -7.85 -9.09
CA PHE A 133 -8.56 -9.19 -9.64
C PHE A 133 -9.23 -9.36 -11.04
N ASP A 134 -10.11 -8.43 -11.41
CA ASP A 134 -10.67 -8.39 -12.78
C ASP A 134 -9.72 -7.96 -13.86
N GLU A 135 -8.48 -7.61 -13.45
CA GLU A 135 -7.39 -7.33 -14.39
C GLU A 135 -7.38 -5.95 -14.89
N SER A 136 -8.35 -5.14 -14.43
CA SER A 136 -8.41 -3.77 -14.86
C SER A 136 -7.90 -2.79 -13.84
N VAL A 137 -7.59 -1.58 -14.34
CA VAL A 137 -7.37 -0.39 -13.51
C VAL A 137 -8.51 0.56 -13.80
N ARG A 138 -9.19 1.05 -12.78
CA ARG A 138 -10.29 2.00 -12.99
C ARG A 138 -9.89 3.35 -12.36
N ILE A 139 -10.38 4.41 -12.97
CA ILE A 139 -10.13 5.77 -12.52
C ILE A 139 -11.52 6.36 -12.22
N TRP A 140 -11.72 6.92 -11.02
CA TRP A 140 -13.04 7.31 -10.53
C TRP A 140 -13.04 8.76 -10.18
N ASP A 141 -14.20 9.39 -10.40
CA ASP A 141 -14.42 10.77 -9.95
C ASP A 141 -14.83 10.75 -8.50
N VAL A 142 -14.06 11.43 -7.65
CA VAL A 142 -14.34 11.44 -6.19
C VAL A 142 -15.66 12.12 -5.86
N LYS A 143 -15.97 13.23 -6.55
CA LYS A 143 -17.18 13.97 -6.31
C LYS A 143 -18.47 13.18 -6.65
N THR A 144 -18.50 12.49 -7.81
CA THR A 144 -19.72 11.83 -8.28
C THR A 144 -19.75 10.35 -7.97
N GLY A 145 -18.56 9.80 -7.75
CA GLY A 145 -18.43 8.39 -7.54
C GLY A 145 -18.55 7.57 -8.80
N LYS A 146 -18.53 8.25 -9.93
CA LYS A 146 -18.64 7.58 -11.19
C LYS A 146 -17.27 7.17 -11.74
N CYS A 147 -17.26 6.00 -12.42
CA CYS A 147 -16.04 5.54 -13.08
C CYS A 147 -15.84 6.30 -14.39
N LEU A 148 -14.70 6.99 -14.48
CA LEU A 148 -14.37 7.80 -15.67
C LEU A 148 -13.65 7.04 -16.75
N LYS A 149 -12.82 6.08 -16.38
CA LYS A 149 -12.02 5.26 -17.35
C LYS A 149 -11.82 3.87 -16.78
N THR A 150 -11.83 2.87 -17.64
CA THR A 150 -11.41 1.52 -17.35
C THR A 150 -10.30 1.18 -18.29
N LEU A 151 -9.09 0.99 -17.72
CA LEU A 151 -7.91 0.62 -18.51
C LEU A 151 -7.78 -0.90 -18.53
N PRO A 152 -7.70 -1.49 -19.75
CA PRO A 152 -7.49 -2.96 -19.82
C PRO A 152 -6.00 -3.22 -19.58
N ALA A 153 -5.60 -3.03 -18.33
CA ALA A 153 -4.20 -2.74 -18.01
C ALA A 153 -3.33 -3.98 -18.02
N HIS A 154 -3.91 -5.13 -17.64
CA HIS A 154 -3.09 -6.31 -17.33
C HIS A 154 -3.82 -7.57 -17.79
N SER A 155 -3.12 -8.70 -17.72
CA SER A 155 -3.75 -10.01 -18.07
C SER A 155 -3.81 -10.94 -16.83
N ASP A 156 -3.75 -10.33 -15.63
CA ASP A 156 -3.85 -11.09 -14.37
C ASP A 156 -4.18 -10.02 -13.31
N PRO A 157 -4.37 -10.46 -12.04
CA PRO A 157 -4.80 -9.48 -11.02
C PRO A 157 -3.80 -8.27 -10.94
N VAL A 158 -4.34 -7.11 -10.64
CA VAL A 158 -3.57 -5.90 -10.50
C VAL A 158 -3.24 -5.74 -9.01
N SER A 159 -1.96 -5.77 -8.70
CA SER A 159 -1.49 -5.83 -7.28
C SER A 159 -1.28 -4.46 -6.69
N ALA A 160 -1.02 -3.44 -7.49
CA ALA A 160 -0.83 -2.11 -6.91
C ALA A 160 -1.11 -1.06 -7.95
N VAL A 161 -1.51 0.14 -7.51
CA VAL A 161 -1.73 1.31 -8.39
C VAL A 161 -1.33 2.57 -7.59
N HIS A 162 -0.62 3.52 -8.22
CA HIS A 162 -0.17 4.70 -7.44
C HIS A 162 -0.07 5.85 -8.44
N PHE A 163 -0.38 7.02 -8.01
CA PHE A 163 -0.18 8.25 -8.84
C PHE A 163 1.17 8.87 -8.54
N ASN A 164 1.71 9.58 -9.51
CA ASN A 164 2.87 10.44 -9.29
C ASN A 164 2.48 11.78 -8.65
N ARG A 165 3.51 12.62 -8.50
CA ARG A 165 3.35 13.76 -7.56
C ARG A 165 2.37 14.84 -8.08
N ASP A 166 2.14 14.89 -9.40
CA ASP A 166 1.17 15.86 -9.94
C ASP A 166 -0.06 15.15 -10.55
N GLY A 167 -0.16 13.86 -10.29
CA GLY A 167 -1.29 13.09 -10.77
C GLY A 167 -1.28 12.79 -12.26
N SER A 168 -0.22 13.19 -12.97
CA SER A 168 -0.22 13.06 -14.45
C SER A 168 0.08 11.62 -14.89
N LEU A 169 0.66 10.77 -13.99
CA LEU A 169 0.92 9.39 -14.30
C LEU A 169 0.36 8.50 -13.24
N ILE A 170 0.07 7.27 -13.65
CA ILE A 170 -0.31 6.17 -12.75
C ILE A 170 0.71 5.04 -13.02
N VAL A 171 1.21 4.40 -12.00
CA VAL A 171 1.96 3.14 -12.19
C VAL A 171 1.11 1.99 -11.68
N SER A 172 1.09 0.89 -12.41
CA SER A 172 0.36 -0.28 -12.02
C SER A 172 1.29 -1.48 -12.08
N SER A 173 0.97 -2.51 -11.28
CA SER A 173 1.74 -3.76 -11.34
C SER A 173 0.77 -4.93 -11.29
N SER A 174 1.20 -6.09 -11.78
CA SER A 174 0.32 -7.23 -11.84
C SER A 174 1.05 -8.56 -11.74
N TYR A 175 0.31 -9.60 -11.36
CA TYR A 175 0.78 -10.98 -11.47
C TYR A 175 1.17 -11.38 -12.86
N ASP A 176 0.83 -10.59 -13.89
CA ASP A 176 1.21 -10.91 -15.27
C ASP A 176 2.70 -10.58 -15.56
N GLY A 177 3.41 -10.08 -14.54
CA GLY A 177 4.83 -9.82 -14.65
C GLY A 177 5.23 -8.42 -15.11
N LEU A 178 4.21 -7.57 -15.33
CA LEU A 178 4.47 -6.25 -15.87
C LEU A 178 4.23 -5.16 -14.84
N CYS A 179 5.02 -4.13 -14.99
CA CYS A 179 4.75 -2.81 -14.36
CA CYS A 179 4.70 -2.91 -14.36
C CYS A 179 4.51 -1.86 -15.50
N ARG A 180 3.41 -1.12 -15.49
CA ARG A 180 3.07 -0.18 -16.59
C ARG A 180 2.88 1.22 -16.06
N ILE A 181 3.31 2.22 -16.83
CA ILE A 181 3.15 3.62 -16.45
C ILE A 181 2.13 4.15 -17.44
N TRP A 182 1.11 4.83 -16.95
CA TRP A 182 -0.04 5.29 -17.71
C TRP A 182 -0.14 6.78 -17.65
N ASP A 183 -0.43 7.41 -18.79
CA ASP A 183 -0.88 8.84 -18.82
C ASP A 183 -2.30 8.91 -18.30
N THR A 184 -2.46 9.57 -17.14
CA THR A 184 -3.78 9.61 -16.49
C THR A 184 -4.86 10.12 -17.42
N ALA A 185 -4.57 11.25 -18.05
CA ALA A 185 -5.63 11.92 -18.81
C ALA A 185 -5.99 11.20 -20.11
N SER A 186 -5.04 10.63 -20.82
CA SER A 186 -5.33 10.01 -22.12
C SER A 186 -5.60 8.51 -21.99
N GLY A 187 -5.20 7.92 -20.87
CA GLY A 187 -5.38 6.50 -20.73
C GLY A 187 -4.31 5.66 -21.41
N GLN A 188 -3.35 6.30 -22.07
CA GLN A 188 -2.31 5.56 -22.87
C GLN A 188 -1.19 5.04 -22.00
N CYS A 189 -0.72 3.86 -22.33
CA CYS A 189 0.44 3.27 -21.62
C CYS A 189 1.71 3.87 -22.15
N LEU A 190 2.45 4.62 -21.33
CA LEU A 190 3.72 5.21 -21.80
CA LEU A 190 3.69 5.26 -21.73
C LEU A 190 4.93 4.30 -21.70
N LYS A 191 4.92 3.34 -20.80
CA LYS A 191 6.11 2.46 -20.63
C LYS A 191 5.65 1.16 -20.03
N THR A 192 6.21 0.05 -20.47
CA THR A 192 6.13 -1.23 -19.79
C THR A 192 7.53 -1.63 -19.29
N LEU A 193 7.74 -1.73 -17.96
CA LEU A 193 8.98 -2.33 -17.37
C LEU A 193 8.92 -3.90 -17.42
N ASP A 197 13.09 -12.49 -17.58
CA ASP A 197 12.88 -12.53 -16.14
C ASP A 197 11.46 -13.17 -15.87
N ASN A 198 10.45 -12.29 -15.82
CA ASN A 198 8.96 -12.51 -15.71
C ASN A 198 8.22 -12.80 -14.37
N PRO A 199 8.85 -12.61 -13.19
CA PRO A 199 8.11 -12.98 -11.97
C PRO A 199 6.84 -12.07 -11.70
N PRO A 200 5.76 -12.60 -11.05
CA PRO A 200 4.63 -11.74 -10.65
C PRO A 200 5.14 -10.47 -9.95
N VAL A 201 4.62 -9.31 -10.38
CA VAL A 201 4.93 -8.07 -9.66
C VAL A 201 3.85 -7.87 -8.61
N SER A 202 4.26 -7.79 -7.34
CA SER A 202 3.31 -7.81 -6.24
C SER A 202 3.13 -6.44 -5.58
N PHE A 203 3.93 -5.43 -5.96
CA PHE A 203 3.71 -4.11 -5.41
C PHE A 203 4.54 -3.12 -6.21
N VAL A 204 4.06 -1.89 -6.37
CA VAL A 204 4.81 -0.86 -7.00
C VAL A 204 4.40 0.53 -6.42
N LYS A 205 5.31 1.49 -6.40
CA LYS A 205 4.94 2.88 -6.03
C LYS A 205 5.99 3.81 -6.53
N PHE A 206 5.59 5.05 -6.79
CA PHE A 206 6.58 6.13 -7.07
C PHE A 206 7.26 6.55 -5.77
N SER A 207 8.51 7.03 -5.88
CA SER A 207 9.20 7.68 -4.79
C SER A 207 8.49 9.00 -4.38
N PRO A 208 8.84 9.54 -3.16
CA PRO A 208 8.07 10.64 -2.57
C PRO A 208 8.18 11.87 -3.41
N ASN A 209 9.26 11.96 -4.20
CA ASN A 209 9.50 13.00 -5.18
C ASN A 209 9.10 12.67 -6.60
N GLY A 210 8.64 11.45 -6.91
CA GLY A 210 8.19 11.15 -8.27
C GLY A 210 9.14 10.62 -9.33
N LYS A 211 10.42 10.63 -8.98
CA LYS A 211 11.43 10.40 -9.99
C LYS A 211 11.78 8.93 -10.18
N TYR A 212 11.38 8.09 -9.21
CA TYR A 212 11.77 6.67 -9.26
C TYR A 212 10.56 5.84 -8.97
N ILE A 213 10.64 4.55 -9.26
CA ILE A 213 9.59 3.65 -8.80
C ILE A 213 10.27 2.48 -8.09
N LEU A 214 9.60 1.96 -7.07
CA LEU A 214 10.04 0.80 -6.32
C LEU A 214 9.07 -0.30 -6.60
N ALA A 215 9.58 -1.49 -7.02
CA ALA A 215 8.71 -2.59 -7.38
C ALA A 215 9.12 -3.82 -6.65
N ALA A 216 8.15 -4.57 -6.14
CA ALA A 216 8.39 -5.88 -5.55
C ALA A 216 7.98 -7.00 -6.50
N THR A 217 8.78 -8.06 -6.56
CA THR A 217 8.41 -9.24 -7.34
C THR A 217 8.46 -10.47 -6.42
N LEU A 218 7.65 -11.50 -6.73
CA LEU A 218 7.49 -12.65 -5.87
C LEU A 218 8.62 -13.65 -6.05
N ASP A 219 9.82 -13.15 -6.18
CA ASP A 219 11.08 -13.87 -6.14
C ASP A 219 12.02 -13.30 -5.12
N ASN A 220 11.41 -12.73 -4.06
CA ASN A 220 12.15 -12.24 -2.92
C ASN A 220 13.03 -11.07 -3.31
N THR A 221 12.52 -10.17 -4.17
CA THR A 221 13.35 -9.07 -4.66
C THR A 221 12.57 -7.76 -4.68
N LEU A 222 13.21 -6.66 -4.33
CA LEU A 222 12.69 -5.32 -4.56
C LEU A 222 13.66 -4.67 -5.51
N LYS A 223 13.14 -3.86 -6.40
CA LYS A 223 13.95 -3.13 -7.40
C LYS A 223 13.56 -1.68 -7.44
N LEU A 224 14.56 -0.80 -7.51
CA LEU A 224 14.36 0.64 -7.76
C LEU A 224 14.63 0.90 -9.21
N TRP A 225 13.65 1.45 -9.90
CA TRP A 225 13.77 1.71 -11.35
C TRP A 225 13.79 3.23 -11.63
N ASP A 226 14.61 3.61 -12.61
CA ASP A 226 14.67 4.95 -13.13
C ASP A 226 13.56 4.94 -14.18
N LYS A 229 13.94 6.14 -18.42
CA LYS A 229 14.89 5.23 -19.08
C LYS A 229 14.49 3.77 -19.02
N GLY A 230 13.61 3.42 -18.08
CA GLY A 230 13.24 2.01 -17.97
C GLY A 230 14.33 1.06 -17.53
N LYS A 231 15.17 1.48 -16.58
CA LYS A 231 16.29 0.65 -16.16
C LYS A 231 16.25 0.51 -14.66
N CYS A 232 16.60 -0.68 -14.23
CA CYS A 232 16.72 -1.00 -12.81
C CYS A 232 18.05 -0.43 -12.31
N LEU A 233 17.99 0.43 -11.31
CA LEU A 233 19.19 1.04 -10.71
C LEU A 233 19.69 0.34 -9.43
N LYS A 234 18.78 -0.30 -8.64
CA LYS A 234 19.16 -0.98 -7.39
C LYS A 234 18.29 -2.17 -7.22
N THR A 235 18.84 -3.20 -6.58
CA THR A 235 18.09 -4.38 -6.18
C THR A 235 18.32 -4.64 -4.70
N TYR A 236 17.28 -4.93 -3.94
CA TYR A 236 17.37 -5.17 -2.48
C TYR A 236 16.85 -6.57 -2.26
N THR A 237 17.62 -7.37 -1.54
CA THR A 237 17.21 -8.74 -1.29
CA THR A 237 17.35 -8.81 -1.32
C THR A 237 17.64 -9.15 0.14
N GLY A 238 17.27 -10.37 0.51
CA GLY A 238 17.60 -10.88 1.82
C GLY A 238 16.37 -11.23 2.63
N HIS A 239 15.21 -10.67 2.24
CA HIS A 239 13.92 -10.94 2.90
C HIS A 239 13.20 -12.05 2.17
N LYS A 240 11.97 -12.38 2.61
CA LYS A 240 11.20 -13.42 2.01
C LYS A 240 9.98 -12.78 1.42
N ASN A 241 9.72 -12.97 0.11
CA ASN A 241 8.49 -12.47 -0.51
C ASN A 241 8.24 -13.28 -1.79
N GLU A 242 7.49 -14.35 -1.59
CA GLU A 242 7.06 -15.26 -2.65
C GLU A 242 5.58 -15.53 -2.75
N LYS A 243 4.79 -14.94 -1.85
CA LYS A 243 3.36 -15.27 -1.70
C LYS A 243 2.43 -14.07 -1.62
N TYR A 244 2.86 -12.98 -0.97
CA TYR A 244 1.88 -11.92 -0.67
C TYR A 244 2.31 -10.61 -1.35
N CYS A 245 1.36 -9.74 -1.43
CA CYS A 245 1.52 -8.42 -2.02
C CYS A 245 1.85 -7.48 -0.79
N ILE A 246 3.13 -7.46 -0.49
CA ILE A 246 3.67 -6.74 0.63
C ILE A 246 4.02 -5.34 0.24
N PHE A 247 3.55 -4.36 1.00
CA PHE A 247 3.84 -2.95 0.72
C PHE A 247 5.30 -2.69 1.02
N ALA A 248 5.94 -1.85 0.24
CA ALA A 248 7.32 -1.39 0.52
C ALA A 248 7.33 0.13 0.47
N ASN A 249 8.37 0.76 0.99
CA ASN A 249 8.38 2.20 1.14
C ASN A 249 9.77 2.79 0.98
N PHE A 250 9.81 4.06 0.62
CA PHE A 250 11.02 4.85 0.80
C PHE A 250 10.88 5.59 2.16
N SER A 251 11.92 5.53 2.98
CA SER A 251 11.90 6.27 4.21
C SER A 251 12.90 7.40 3.99
N VAL A 252 12.47 8.64 4.23
CA VAL A 252 13.27 9.79 3.83
C VAL A 252 13.32 10.88 4.87
N THR A 253 12.67 10.66 6.02
CA THR A 253 12.72 11.68 7.11
C THR A 253 14.07 11.79 7.84
N GLY A 254 14.84 10.71 7.84
CA GLY A 254 16.15 10.69 8.52
C GLY A 254 17.18 10.25 7.51
N GLY A 255 17.86 9.15 7.81
CA GLY A 255 18.64 8.45 6.78
C GLY A 255 17.73 7.97 5.62
N LYS A 256 18.32 7.58 4.52
CA LYS A 256 17.52 7.28 3.32
C LYS A 256 17.50 5.76 3.18
N TRP A 257 16.34 5.19 3.49
CA TRP A 257 16.20 3.74 3.60
C TRP A 257 15.11 3.24 2.65
N ILE A 258 15.13 1.93 2.41
CA ILE A 258 13.98 1.22 1.81
C ILE A 258 13.45 0.34 2.97
N VAL A 259 12.12 0.26 3.11
CA VAL A 259 11.52 -0.47 4.22
C VAL A 259 10.50 -1.45 3.64
N SER A 260 10.46 -2.68 4.03
CA SER A 260 9.43 -3.57 3.59
C SER A 260 9.10 -4.59 4.66
N GLY A 261 7.93 -5.16 4.64
CA GLY A 261 7.68 -6.39 5.42
C GLY A 261 8.21 -7.60 4.70
N SER A 262 7.98 -8.75 5.32
CA SER A 262 8.58 -9.98 4.83
C SER A 262 7.80 -11.15 5.34
N GLU A 263 7.89 -12.25 4.62
CA GLU A 263 7.19 -13.48 4.99
C GLU A 263 7.85 -14.34 6.10
N ASP A 264 9.01 -13.87 6.57
CA ASP A 264 9.62 -14.41 7.85
C ASP A 264 9.21 -13.58 9.04
N ASN A 265 8.22 -12.70 8.86
CA ASN A 265 7.55 -12.05 9.98
C ASN A 265 8.34 -10.84 10.49
N LEU A 266 9.35 -10.41 9.72
CA LEU A 266 10.16 -9.29 10.04
C LEU A 266 9.87 -8.09 9.19
N VAL A 267 10.24 -6.89 9.72
CA VAL A 267 10.42 -5.68 8.87
C VAL A 267 11.88 -5.63 8.49
N TYR A 268 12.18 -5.44 7.18
CA TYR A 268 13.57 -5.24 6.75
C TYR A 268 13.78 -3.78 6.40
N ILE A 269 14.96 -3.24 6.69
CA ILE A 269 15.30 -1.90 6.31
C ILE A 269 16.65 -2.05 5.62
N TRP A 270 16.76 -1.41 4.45
CA TRP A 270 18.01 -1.42 3.66
C TRP A 270 18.50 0.02 3.49
N ASN A 271 19.81 0.14 3.35
CA ASN A 271 20.41 1.37 2.93
C ASN A 271 20.05 1.56 1.45
N LEU A 272 19.41 2.69 1.13
CA LEU A 272 18.92 2.97 -0.25
C LEU A 272 20.07 2.88 -1.30
N GLN A 273 21.17 3.51 -0.98
CA GLN A 273 22.28 3.58 -1.93
C GLN A 273 23.13 2.28 -1.88
N THR A 274 23.51 1.78 -0.69
CA THR A 274 24.49 0.63 -0.66
C THR A 274 23.76 -0.70 -0.85
N LYS A 275 22.44 -0.71 -0.62
CA LYS A 275 21.63 -1.94 -0.72
C LYS A 275 21.83 -2.94 0.42
N GLU A 276 22.69 -2.58 1.39
CA GLU A 276 22.90 -3.43 2.55
C GLU A 276 21.68 -3.39 3.49
N ILE A 277 21.30 -4.56 4.01
CA ILE A 277 20.34 -4.59 5.13
C ILE A 277 20.97 -3.89 6.33
N VAL A 278 20.26 -2.91 6.89
CA VAL A 278 20.76 -2.21 8.08
C VAL A 278 19.96 -2.47 9.37
N GLN A 279 18.75 -3.00 9.29
CA GLN A 279 18.02 -3.36 10.52
C GLN A 279 16.93 -4.32 10.15
N LYS A 280 16.54 -5.19 11.09
CA LYS A 280 15.42 -6.04 10.99
C LYS A 280 14.64 -5.80 12.25
N LEU A 281 13.32 -5.61 12.10
CA LEU A 281 12.43 -5.38 13.28
C LEU A 281 11.62 -6.60 13.61
N GLN A 282 11.73 -7.13 14.85
CA GLN A 282 11.04 -8.38 15.22
C GLN A 282 9.94 -8.08 16.23
N GLY A 283 8.70 -8.37 15.87
CA GLY A 283 7.56 -8.19 16.81
C GLY A 283 6.34 -9.02 16.43
N HIS A 284 6.29 -9.39 15.21
CA HIS A 284 5.07 -10.04 14.69
C HIS A 284 5.21 -11.56 14.57
N THR A 285 4.08 -12.24 14.59
CA THR A 285 4.02 -13.69 14.57
C THR A 285 3.34 -14.15 13.27
N ASP A 286 3.25 -13.25 12.26
CA ASP A 286 2.79 -13.67 10.95
C ASP A 286 3.44 -12.72 9.95
N VAL A 287 3.14 -12.95 8.67
CA VAL A 287 3.69 -12.16 7.58
C VAL A 287 3.46 -10.65 7.84
N VAL A 288 4.52 -9.85 7.66
CA VAL A 288 4.36 -8.40 7.80
C VAL A 288 3.92 -7.92 6.40
N ILE A 289 2.60 -7.87 6.21
CA ILE A 289 1.98 -7.51 4.90
C ILE A 289 2.15 -6.09 4.54
N SER A 290 2.26 -5.22 5.57
CA SER A 290 2.21 -3.82 5.31
C SER A 290 3.12 -3.07 6.25
N THR A 291 3.85 -2.12 5.66
CA THR A 291 4.57 -1.12 6.41
C THR A 291 4.29 0.24 5.85
N ALA A 292 4.41 1.27 6.68
CA ALA A 292 4.24 2.63 6.20
C ALA A 292 5.24 3.50 6.96
N CYS A 293 5.65 4.60 6.34
CA CYS A 293 6.66 5.53 6.93
C CYS A 293 6.02 6.85 7.15
N HIS A 294 6.16 7.42 8.34
CA HIS A 294 5.49 8.65 8.66
C HIS A 294 6.06 9.80 7.82
N PRO A 295 5.22 10.79 7.45
CA PRO A 295 5.71 11.78 6.53
C PRO A 295 6.77 12.75 7.09
N THR A 296 6.85 12.96 8.41
CA THR A 296 7.85 13.95 8.90
C THR A 296 8.76 13.42 10.03
N GLU A 297 8.32 12.39 10.74
CA GLU A 297 9.13 11.82 11.83
C GLU A 297 9.60 10.43 11.45
N ASN A 298 10.70 9.95 12.07
CA ASN A 298 11.21 8.63 11.82
C ASN A 298 10.37 7.59 12.56
N ILE A 299 9.21 7.29 11.99
CA ILE A 299 8.25 6.34 12.57
C ILE A 299 7.82 5.38 11.50
N ILE A 300 7.88 4.08 11.80
CA ILE A 300 7.39 3.06 10.89
C ILE A 300 6.19 2.39 11.57
N ALA A 301 5.12 2.17 10.82
CA ALA A 301 4.03 1.27 11.20
C ALA A 301 4.14 -0.02 10.48
N SER A 302 3.97 -1.13 11.17
CA SER A 302 4.01 -2.47 10.56
C SER A 302 2.71 -3.19 10.89
N ALA A 303 2.25 -4.10 10.07
CA ALA A 303 1.00 -4.80 10.35
C ALA A 303 1.13 -6.21 9.79
N ALA A 304 0.46 -7.16 10.43
CA ALA A 304 0.60 -8.53 10.12
C ALA A 304 -0.68 -9.34 9.91
N LEU A 305 -0.52 -10.52 9.34
CA LEU A 305 -1.66 -11.36 8.90
C LEU A 305 -2.29 -12.15 10.07
N GLU A 306 -3.09 -13.19 9.75
CA GLU A 306 -4.16 -13.74 10.63
C GLU A 306 -3.66 -14.27 11.95
N ASN A 307 -2.44 -14.83 12.02
CA ASN A 307 -1.97 -15.36 13.28
CA ASN A 307 -1.96 -15.33 13.32
C ASN A 307 -1.57 -14.25 14.27
N ASP A 308 -1.45 -13.01 13.78
CA ASP A 308 -0.92 -11.90 14.52
C ASP A 308 -2.01 -10.83 14.75
N LYS A 309 -2.54 -10.28 13.70
CA LYS A 309 -3.62 -9.30 13.75
C LYS A 309 -3.28 -7.94 14.36
N THR A 310 -2.00 -7.65 14.65
CA THR A 310 -1.66 -6.37 15.27
C THR A 310 -0.91 -5.47 14.31
N ILE A 311 -0.90 -4.22 14.68
CA ILE A 311 -0.10 -3.17 14.11
C ILE A 311 0.94 -2.71 15.12
N LYS A 312 2.15 -2.38 14.72
CA LYS A 312 3.16 -1.89 15.68
C LYS A 312 3.70 -0.58 15.19
N LEU A 313 4.06 0.34 16.11
CA LEU A 313 4.70 1.60 15.82
C LEU A 313 6.13 1.51 16.37
N TRP A 314 7.09 1.89 15.51
CA TRP A 314 8.50 1.80 15.83
C TRP A 314 9.07 3.18 15.57
N LYS A 315 10.03 3.61 16.41
CA LYS A 315 10.62 4.94 16.24
C LYS A 315 12.12 4.86 16.28
N SER A 316 12.77 5.77 15.54
CA SER A 316 14.24 5.81 15.43
C SER A 316 14.75 7.24 15.53
N ASP A 317 16.01 7.37 15.95
CA ASP A 317 16.65 8.70 15.91
C ASP A 317 17.20 9.12 14.53
N CYS A 318 17.20 8.17 13.59
CA CYS A 318 17.60 8.50 12.23
C CYS A 318 16.92 7.56 11.26
N GLY B 1 -12.53 -11.51 5.53
CA GLY B 1 -11.67 -12.29 4.59
C GLY B 1 -11.32 -11.52 3.33
N CYS B 2 -10.01 -11.16 3.16
CA CYS B 2 -9.72 -10.45 1.97
C CYS B 2 -8.66 -11.04 1.03
N ALA B 3 -8.66 -10.50 -0.21
CA ALA B 3 -7.68 -10.98 -1.19
C ALA B 3 -6.22 -10.78 -0.72
N ARG B 4 -5.93 -9.66 -0.08
CA ARG B 4 -4.57 -9.41 0.32
C ARG B 4 -4.01 -10.37 1.33
N SER B 5 -4.90 -10.99 2.09
CA SER B 5 -4.39 -11.85 3.14
C SER B 5 -4.36 -13.30 2.80
N GLU B 6 -4.70 -13.61 1.56
CA GLU B 6 -4.62 -14.91 0.99
C GLU B 6 -3.41 -15.03 0.06
N PRO B 7 -2.74 -16.18 0.06
CA PRO B 7 -1.47 -16.24 -0.67
C PRO B 7 -1.71 -16.47 -2.16
N LYS B 8 -0.74 -15.99 -2.96
CA LYS B 8 -0.64 -16.25 -4.43
C LYS B 8 0.20 -17.54 -4.46
N ILE B 9 -0.37 -18.69 -4.88
CA ILE B 9 0.30 -19.96 -4.86
C ILE B 9 1.11 -20.13 -6.11
N LEU B 10 2.41 -20.27 -5.90
CA LEU B 10 3.38 -20.50 -6.97
C LEU B 10 4.04 -21.89 -6.72
N THR B 11 4.03 -22.75 -7.79
CA THR B 11 4.43 -24.20 -8.02
C THR B 11 3.16 -25.09 -7.95
C1 BTB C . -2.88 11.15 -2.04
O1 BTB C . -3.87 11.76 -1.19
C2 BTB C . -1.52 11.14 -1.29
C3 BTB C . -1.23 12.59 -0.92
O3 BTB C . -0.91 13.36 -2.10
C4 BTB C . -1.58 10.34 0.02
O4 BTB C . -1.79 8.98 -0.40
N BTB C . -0.45 10.62 -2.26
C5 BTB C . -0.73 9.29 -2.89
C6 BTB C . -0.55 9.42 -4.43
O6 BTB C . -1.53 10.39 -4.93
C7 BTB C . 0.96 10.61 -1.70
C8 BTB C . 1.97 10.64 -2.84
O8 BTB C . 1.58 11.68 -3.80
S SO4 D . 1.78 6.96 -0.10
O1 SO4 D . 1.74 7.57 -1.41
O2 SO4 D . 1.23 5.49 0.12
O3 SO4 D . 1.22 7.97 0.84
O4 SO4 D . 3.25 6.88 0.20
#